data_8E5H
#
_entry.id   8E5H
#
_cell.length_a   50.417
_cell.length_b   70.090
_cell.length_c   97.877
_cell.angle_alpha   90.000
_cell.angle_beta   90.000
_cell.angle_gamma   90.000
#
_symmetry.space_group_name_H-M   'P 21 21 21'
#
loop_
_entity.id
_entity.type
_entity.pdbx_description
1 polymer 'NADH:flavin oxidoreductase'
2 non-polymer 1-DEOXY-1-(7,8-DIMETHYL-2,4-DIOXO-3,4-DIHYDRO-2H-BENZO[G]PTERIDIN-1-ID-10(5H)-YL)-5-O-PHOSPHONATO-D-RIBITOL
3 non-polymer 'CHLORIDE ION'
4 water water
#
_entity_poly.entity_id   1
_entity_poly.type   'polypeptide(L)'
_entity_poly.pdbx_seq_one_letter_code
;MSQLLEPCSLKHLKLRNRAAVAPMTRVSAEAEGAANELMRDYYASFAKGGFGMVISEGIYTDTAYSQGYFNQPGLATEAH
RDSWRLIVDAVHDAGAAFVAQLMHGGAQTQGNIHHARHVAPSAVQPGGSQLTFYGGEGPYATPAQISEDEIQEAIAGFAQ
AARHAREAGFDGVELHGANGYLLHEFISAEFNRRDDHWGGDYLGRLRLPLAVIAAVRAAVGNDFVVGMRLSQSMVSDSQL
KWEGGVDEARQRFRALADAGLDYLHVTEPDAAAPAFGDGPSFAAIAKGSVSIPVIGNGGIVTGEQAEKLLTQGDMDLVAV
GKAALANNDWPQRIAQGLPLNEFDGTMFVPMATITNELAWRNANGRSALGSS
;
_entity_poly.pdbx_strand_id   A
#
loop_
_chem_comp.id
_chem_comp.type
_chem_comp.name
_chem_comp.formula
CL non-polymer 'CHLORIDE ION' 'Cl -1'
FNR non-polymer 1-DEOXY-1-(7,8-DIMETHYL-2,4-DIOXO-3,4-DIHYDRO-2H-BENZO[G]PTERIDIN-1-ID-10(5H)-YL)-5-O-PHOSPHONATO-D-RIBITOL 'C17 H23 N4 O9 P'
#
# COMPACT_ATOMS: atom_id res chain seq x y z
N SER A 2 -6.95 -20.44 13.03
CA SER A 2 -7.59 -21.28 11.99
C SER A 2 -8.24 -20.40 10.91
N GLN A 3 -8.83 -19.25 11.25
CA GLN A 3 -9.44 -18.34 10.26
C GLN A 3 -8.31 -17.75 9.40
N LEU A 4 -7.11 -17.57 9.97
CA LEU A 4 -6.02 -17.07 9.15
C LEU A 4 -5.71 -18.03 8.02
N LEU A 5 -5.87 -19.33 8.26
CA LEU A 5 -5.52 -20.31 7.25
C LEU A 5 -6.71 -20.80 6.50
N GLU A 6 -7.81 -20.05 6.49
CA GLU A 6 -8.99 -20.35 5.69
C GLU A 6 -8.79 -19.75 4.30
N PRO A 7 -9.08 -20.49 3.22
CA PRO A 7 -9.04 -19.88 1.89
C PRO A 7 -10.07 -18.77 1.77
N CYS A 8 -9.88 -17.94 0.77
N CYS A 8 -9.82 -17.85 0.83
CA CYS A 8 -10.89 -16.94 0.50
CA CYS A 8 -10.76 -16.76 0.59
C CYS A 8 -10.87 -16.63 -0.99
C CYS A 8 -10.71 -16.35 -0.88
N SER A 9 -11.90 -15.92 -1.41
N SER A 9 -11.87 -15.96 -1.38
CA SER A 9 -12.02 -15.39 -2.74
CA SER A 9 -11.96 -15.41 -2.72
C SER A 9 -11.86 -13.88 -2.71
C SER A 9 -11.82 -13.89 -2.68
N LEU A 10 -11.27 -13.35 -3.77
CA LEU A 10 -11.16 -11.91 -3.96
C LEU A 10 -11.48 -11.71 -5.44
N LYS A 11 -12.75 -11.40 -5.73
CA LYS A 11 -13.25 -11.36 -7.10
C LYS A 11 -13.00 -12.75 -7.71
N HIS A 12 -12.34 -12.88 -8.86
CA HIS A 12 -12.07 -14.19 -9.43
C HIS A 12 -10.88 -14.90 -8.81
N LEU A 13 -10.09 -14.21 -7.98
CA LEU A 13 -8.92 -14.84 -7.40
C LEU A 13 -9.30 -15.78 -6.27
N LYS A 14 -8.61 -16.90 -6.21
CA LYS A 14 -8.77 -17.89 -5.14
C LYS A 14 -7.49 -17.93 -4.33
N LEU A 15 -7.56 -17.40 -3.13
CA LEU A 15 -6.41 -17.24 -2.25
C LEU A 15 -6.38 -18.40 -1.27
N ARG A 16 -5.18 -18.95 -1.04
CA ARG A 16 -5.05 -20.11 -0.17
C ARG A 16 -5.32 -19.80 1.29
N ASN A 17 -5.11 -18.57 1.72
CA ASN A 17 -5.28 -18.18 3.11
C ASN A 17 -5.59 -16.69 3.18
N ARG A 18 -5.69 -16.17 4.39
N ARG A 18 -5.74 -16.17 4.41
CA ARG A 18 -6.07 -14.78 4.60
CA ARG A 18 -6.08 -14.77 4.67
C ARG A 18 -4.90 -13.95 5.08
C ARG A 18 -4.87 -13.90 4.96
N ALA A 19 -3.67 -14.41 4.76
CA ALA A 19 -2.46 -13.68 5.10
C ALA A 19 -1.90 -12.96 3.88
N ALA A 20 -1.62 -11.68 4.04
CA ALA A 20 -1.05 -10.87 2.97
C ALA A 20 0.21 -10.19 3.46
N VAL A 21 1.18 -10.01 2.54
CA VAL A 21 2.33 -9.16 2.81
C VAL A 21 1.93 -7.73 2.52
N ALA A 22 2.10 -6.85 3.53
CA ALA A 22 1.82 -5.43 3.36
C ALA A 22 2.82 -4.78 2.43
N PRO A 23 2.40 -3.73 1.72
CA PRO A 23 3.32 -2.99 0.83
C PRO A 23 4.42 -2.34 1.64
N MET A 24 5.68 -2.53 1.23
CA MET A 24 6.81 -1.90 1.93
C MET A 24 7.85 -1.41 0.93
N THR A 25 8.12 -0.12 0.98
CA THR A 25 9.09 0.58 0.14
C THR A 25 10.49 0.11 0.53
N ARG A 26 11.23 -0.40 -0.44
CA ARG A 26 12.58 -0.86 -0.19
C ARG A 26 13.66 -0.15 -1.01
N VAL A 27 13.28 0.78 -1.90
CA VAL A 27 14.20 1.59 -2.69
C VAL A 27 15.38 0.76 -3.19
N SER A 28 15.08 -0.38 -3.83
CA SER A 28 16.07 -1.34 -4.29
C SER A 28 15.95 -1.60 -5.79
N ALA A 29 15.20 -0.77 -6.52
CA ALA A 29 15.05 -0.88 -7.97
C ALA A 29 16.18 -0.14 -8.66
N GLU A 30 16.21 -0.20 -9.99
CA GLU A 30 17.21 0.54 -10.74
C GLU A 30 16.90 2.04 -10.68
N ALA A 31 17.92 2.84 -10.95
CA ALA A 31 17.84 4.29 -10.82
C ALA A 31 16.81 4.90 -11.76
N GLU A 32 16.51 4.24 -12.89
CA GLU A 32 15.48 4.76 -13.76
C GLU A 32 14.15 4.01 -13.67
N GLY A 33 13.99 3.17 -12.66
CA GLY A 33 12.67 2.65 -12.29
C GLY A 33 12.46 1.17 -12.56
N ALA A 34 13.31 0.51 -13.33
CA ALA A 34 13.06 -0.90 -13.61
C ALA A 34 13.25 -1.77 -12.37
N ALA A 35 12.43 -2.82 -12.25
CA ALA A 35 12.65 -3.85 -11.24
C ALA A 35 13.81 -4.75 -11.66
N ASN A 36 14.27 -5.62 -10.75
CA ASN A 36 15.49 -6.40 -10.99
C ASN A 36 15.47 -7.75 -10.28
N GLU A 37 16.59 -8.47 -10.39
N GLU A 37 16.58 -8.48 -10.40
CA GLU A 37 16.66 -9.85 -9.94
CA GLU A 37 16.62 -9.86 -9.92
C GLU A 37 16.72 -9.94 -8.43
C GLU A 37 16.63 -9.91 -8.40
N LEU A 38 17.31 -8.97 -7.75
CA LEU A 38 17.29 -8.98 -6.28
C LEU A 38 15.84 -8.85 -5.80
N MET A 39 15.05 -8.05 -6.49
CA MET A 39 13.63 -7.91 -6.12
C MET A 39 12.88 -9.19 -6.43
N ARG A 40 13.24 -9.88 -7.51
CA ARG A 40 12.60 -11.16 -7.80
C ARG A 40 12.74 -12.11 -6.62
N ASP A 41 13.96 -12.30 -6.13
CA ASP A 41 14.18 -13.27 -5.08
C ASP A 41 13.50 -12.82 -3.80
N TYR A 42 13.53 -11.51 -3.55
CA TYR A 42 12.91 -10.94 -2.36
C TYR A 42 11.42 -11.22 -2.30
N TYR A 43 10.69 -10.89 -3.37
CA TYR A 43 9.25 -11.11 -3.36
C TYR A 43 8.89 -12.59 -3.41
N ALA A 44 9.65 -13.39 -4.16
CA ALA A 44 9.36 -14.82 -4.23
C ALA A 44 9.47 -15.47 -2.87
N SER A 45 10.38 -14.99 -2.01
CA SER A 45 10.57 -15.59 -0.69
C SER A 45 9.29 -15.54 0.14
N PHE A 46 8.52 -14.44 0.07
CA PHE A 46 7.27 -14.39 0.83
C PHE A 46 6.27 -15.42 0.33
N ALA A 47 6.22 -15.62 -1.00
CA ALA A 47 5.35 -16.62 -1.59
C ALA A 47 5.76 -18.01 -1.16
N LYS A 48 7.06 -18.31 -1.21
CA LYS A 48 7.55 -19.60 -0.73
C LYS A 48 7.23 -19.81 0.75
N GLY A 49 7.19 -18.74 1.52
CA GLY A 49 6.85 -18.78 2.93
C GLY A 49 5.38 -18.94 3.21
N GLY A 50 4.53 -19.02 2.18
CA GLY A 50 3.15 -19.40 2.37
C GLY A 50 2.13 -18.27 2.38
N PHE A 51 2.54 -17.02 2.18
CA PHE A 51 1.55 -15.95 2.13
C PHE A 51 0.63 -16.16 0.93
N GLY A 52 -0.69 -16.03 1.13
CA GLY A 52 -1.62 -16.20 0.03
C GLY A 52 -1.58 -15.06 -0.96
N MET A 53 -1.15 -13.89 -0.46
N MET A 53 -1.15 -13.88 -0.52
CA MET A 53 -1.12 -12.68 -1.28
CA MET A 53 -1.05 -12.74 -1.39
C MET A 53 0.07 -11.81 -0.87
C MET A 53 0.09 -11.84 -0.94
N VAL A 54 0.77 -11.30 -1.93
CA VAL A 54 1.87 -10.37 -1.72
C VAL A 54 1.46 -9.06 -2.37
N ILE A 55 1.49 -7.97 -1.62
CA ILE A 55 1.25 -6.64 -2.17
C ILE A 55 2.61 -5.98 -2.33
N SER A 56 2.89 -5.49 -3.53
CA SER A 56 4.18 -4.87 -3.77
C SER A 56 4.34 -3.60 -2.97
N GLU A 57 5.58 -3.14 -2.84
CA GLU A 57 5.86 -1.77 -2.47
C GLU A 57 5.17 -0.79 -3.43
N GLY A 58 5.02 0.43 -2.99
CA GLY A 58 4.44 1.43 -3.86
C GLY A 58 5.26 1.68 -5.11
N ILE A 59 4.63 1.52 -6.27
CA ILE A 59 5.27 1.64 -7.58
C ILE A 59 4.79 2.93 -8.22
N TYR A 60 5.73 3.75 -8.73
CA TYR A 60 5.31 5.02 -9.31
C TYR A 60 4.68 4.84 -10.69
N THR A 61 3.86 5.82 -11.08
CA THR A 61 2.87 5.67 -12.14
C THR A 61 3.16 6.40 -13.42
N ASP A 62 4.00 7.44 -13.39
CA ASP A 62 4.20 8.30 -14.55
C ASP A 62 5.65 8.76 -14.57
N THR A 63 6.03 9.38 -15.69
CA THR A 63 7.38 9.91 -15.86
C THR A 63 7.44 11.41 -15.56
N ALA A 64 6.51 11.90 -14.72
CA ALA A 64 6.41 13.29 -14.30
C ALA A 64 6.67 13.32 -12.79
N TYR A 65 5.70 13.74 -12.00
CA TYR A 65 5.90 13.97 -10.58
C TYR A 65 5.68 12.73 -9.72
N SER A 66 5.22 11.61 -10.29
N SER A 66 5.28 11.60 -10.31
CA SER A 66 4.80 10.52 -9.41
CA SER A 66 4.83 10.49 -9.48
C SER A 66 5.92 9.91 -8.57
C SER A 66 5.93 9.94 -8.58
N GLN A 67 7.13 9.71 -9.13
CA GLN A 67 8.22 9.08 -8.38
C GLN A 67 8.44 9.82 -7.07
N GLY A 68 8.46 9.07 -5.97
CA GLY A 68 8.66 9.63 -4.66
C GLY A 68 10.02 9.42 -4.01
N TYR A 69 10.74 8.36 -4.38
CA TYR A 69 12.04 8.06 -3.78
C TYR A 69 13.01 7.62 -4.85
N PHE A 70 14.28 7.97 -4.67
CA PHE A 70 15.29 7.46 -5.60
C PHE A 70 15.34 5.93 -5.49
N ASN A 71 15.51 5.28 -6.64
CA ASN A 71 15.58 3.82 -6.72
C ASN A 71 14.27 3.13 -6.35
N GLN A 72 13.17 3.85 -6.37
CA GLN A 72 11.83 3.27 -6.32
C GLN A 72 11.45 2.69 -7.68
N PRO A 73 10.78 1.54 -7.72
CA PRO A 73 10.35 1.01 -9.02
C PRO A 73 9.17 1.78 -9.58
N GLY A 74 9.08 1.72 -10.92
CA GLY A 74 7.97 2.27 -11.66
C GLY A 74 7.19 1.23 -12.48
N LEU A 75 6.03 1.69 -12.97
CA LEU A 75 5.20 0.97 -13.93
C LEU A 75 4.78 1.96 -15.01
N ALA A 76 5.55 3.04 -15.21
CA ALA A 76 5.12 4.09 -16.12
C ALA A 76 5.36 3.73 -17.58
N THR A 77 6.44 3.00 -17.88
CA THR A 77 6.83 2.73 -19.26
C THR A 77 6.67 1.24 -19.56
N GLU A 78 6.79 0.91 -20.85
CA GLU A 78 6.76 -0.49 -21.26
C GLU A 78 8.00 -1.25 -20.75
N ALA A 79 9.14 -0.55 -20.66
CA ALA A 79 10.32 -1.16 -20.07
C ALA A 79 10.09 -1.49 -18.59
N HIS A 80 9.47 -0.57 -17.85
CA HIS A 80 9.11 -0.89 -16.46
C HIS A 80 8.21 -2.14 -16.42
N ARG A 81 7.16 -2.14 -17.21
CA ARG A 81 6.24 -3.28 -17.28
C ARG A 81 7.01 -4.58 -17.52
N ASP A 82 7.89 -4.58 -18.51
CA ASP A 82 8.58 -5.82 -18.85
C ASP A 82 9.51 -6.26 -17.73
N SER A 83 10.11 -5.30 -16.99
CA SER A 83 11.00 -5.66 -15.90
C SER A 83 10.28 -6.36 -14.76
N TRP A 84 8.97 -6.16 -14.60
CA TRP A 84 8.23 -6.83 -13.55
C TRP A 84 7.81 -8.25 -13.92
N ARG A 85 7.86 -8.63 -15.21
CA ARG A 85 7.28 -9.90 -15.64
C ARG A 85 7.90 -11.08 -14.89
N LEU A 86 9.23 -11.12 -14.83
CA LEU A 86 9.86 -12.27 -14.21
C LEU A 86 9.63 -12.30 -12.71
N ILE A 87 9.42 -11.14 -12.07
CA ILE A 87 9.06 -11.12 -10.64
C ILE A 87 7.66 -11.68 -10.44
N VAL A 88 6.69 -11.23 -11.24
CA VAL A 88 5.33 -11.74 -11.21
C VAL A 88 5.36 -13.26 -11.38
N ASP A 89 6.10 -13.75 -12.38
CA ASP A 89 6.15 -15.18 -12.64
C ASP A 89 6.69 -15.95 -11.43
N ALA A 90 7.72 -15.41 -10.76
CA ALA A 90 8.32 -16.09 -9.63
C ALA A 90 7.36 -16.15 -8.44
N VAL A 91 6.65 -15.06 -8.18
CA VAL A 91 5.66 -15.06 -7.10
C VAL A 91 4.55 -16.06 -7.41
N HIS A 92 4.08 -16.06 -8.65
CA HIS A 92 3.04 -17.00 -9.04
C HIS A 92 3.50 -18.45 -8.96
N ASP A 93 4.76 -18.73 -9.33
CA ASP A 93 5.22 -20.12 -9.32
C ASP A 93 5.18 -20.67 -7.90
N ALA A 94 5.24 -19.80 -6.90
CA ALA A 94 5.12 -20.25 -5.51
C ALA A 94 3.68 -20.22 -4.98
N GLY A 95 2.72 -19.79 -5.76
CA GLY A 95 1.34 -19.94 -5.38
C GLY A 95 0.68 -18.73 -4.76
N ALA A 96 1.31 -17.55 -4.78
CA ALA A 96 0.74 -16.36 -4.18
C ALA A 96 0.14 -15.49 -5.28
N ALA A 97 -0.97 -14.85 -4.98
CA ALA A 97 -1.43 -13.75 -5.80
C ALA A 97 -0.49 -12.56 -5.57
N PHE A 98 -0.39 -11.67 -6.55
CA PHE A 98 0.57 -10.56 -6.48
C PHE A 98 -0.16 -9.32 -6.97
N VAL A 99 -0.22 -8.31 -6.12
CA VAL A 99 -0.94 -7.08 -6.41
C VAL A 99 0.06 -5.93 -6.47
N ALA A 100 -0.03 -5.12 -7.51
CA ALA A 100 0.84 -3.96 -7.66
C ALA A 100 0.23 -2.75 -6.97
N GLN A 101 0.89 -2.24 -5.93
CA GLN A 101 0.49 -0.98 -5.32
C GLN A 101 0.98 0.15 -6.21
N LEU A 102 0.08 1.09 -6.55
CA LEU A 102 0.37 2.22 -7.44
C LEU A 102 0.29 3.50 -6.63
N MET A 103 1.37 4.30 -6.66
N MET A 103 1.35 4.29 -6.67
CA MET A 103 1.53 5.41 -5.71
CA MET A 103 1.39 5.49 -5.86
C MET A 103 2.13 6.63 -6.40
C MET A 103 2.01 6.67 -6.57
N HIS A 104 1.59 7.82 -6.07
CA HIS A 104 2.14 9.10 -6.48
C HIS A 104 2.64 9.83 -5.23
N GLY A 105 3.89 10.28 -5.28
CA GLY A 105 4.52 10.85 -4.08
C GLY A 105 3.89 12.12 -3.54
N GLY A 106 3.32 12.94 -4.41
CA GLY A 106 2.73 14.19 -3.97
C GLY A 106 3.70 15.01 -3.13
N ALA A 107 3.20 15.56 -2.04
CA ALA A 107 3.99 16.42 -1.17
C ALA A 107 5.04 15.66 -0.39
N GLN A 108 4.95 14.34 -0.34
CA GLN A 108 5.89 13.55 0.45
C GLN A 108 7.04 12.99 -0.38
N THR A 109 7.20 13.41 -1.62
CA THR A 109 8.38 13.05 -2.39
C THR A 109 9.67 13.46 -1.68
N GLN A 110 10.66 12.57 -1.70
CA GLN A 110 12.02 12.82 -1.27
C GLN A 110 13.03 12.76 -2.40
N GLY A 111 12.77 12.03 -3.48
CA GLY A 111 13.64 12.03 -4.63
C GLY A 111 12.86 11.62 -5.86
N ASN A 112 13.09 12.36 -6.94
CA ASN A 112 12.41 12.18 -8.22
C ASN A 112 13.40 12.56 -9.30
N ILE A 113 13.65 11.67 -10.27
CA ILE A 113 14.72 11.92 -11.22
C ILE A 113 14.35 12.98 -12.25
N HIS A 114 13.08 13.39 -12.35
CA HIS A 114 12.60 14.33 -13.36
C HIS A 114 12.49 15.75 -12.85
N HIS A 115 12.17 15.96 -11.57
CA HIS A 115 11.88 17.29 -11.04
C HIS A 115 12.28 17.43 -9.59
N ALA A 116 12.81 18.60 -9.25
CA ALA A 116 12.90 19.05 -7.86
C ALA A 116 11.55 19.55 -7.34
N ARG A 117 10.79 20.26 -8.17
CA ARG A 117 9.45 20.74 -7.84
C ARG A 117 8.56 19.55 -7.49
N HIS A 118 7.73 19.71 -6.46
CA HIS A 118 6.70 18.73 -6.10
C HIS A 118 5.32 19.34 -6.29
N VAL A 119 4.29 18.49 -6.37
CA VAL A 119 2.92 18.95 -6.55
C VAL A 119 2.03 18.32 -5.48
N ALA A 120 0.97 19.03 -5.12
CA ALA A 120 0.03 18.64 -4.08
C ALA A 120 -1.27 19.43 -4.28
N PRO A 121 -2.38 19.00 -3.70
CA PRO A 121 -3.63 19.76 -3.92
C PRO A 121 -3.50 21.23 -3.56
N SER A 122 -2.76 21.53 -2.49
CA SER A 122 -2.54 22.89 -1.99
C SER A 122 -1.06 23.03 -1.61
N ALA A 123 -0.54 24.26 -1.71
CA ALA A 123 0.86 24.54 -1.44
C ALA A 123 1.09 24.69 0.05
N VAL A 124 1.09 23.55 0.74
CA VAL A 124 1.19 23.48 2.19
C VAL A 124 2.30 22.50 2.56
N GLN A 125 3.30 22.98 3.27
CA GLN A 125 4.40 22.12 3.67
C GLN A 125 3.95 21.04 4.65
N PRO A 126 4.25 19.76 4.38
CA PRO A 126 3.98 18.71 5.38
C PRO A 126 4.83 18.97 6.62
N GLY A 127 4.34 18.50 7.76
CA GLY A 127 5.10 18.51 8.98
C GLY A 127 6.02 17.31 9.05
N GLY A 128 6.50 17.03 10.23
CA GLY A 128 7.39 15.91 10.35
C GLY A 128 8.72 16.10 9.60
N SER A 129 9.35 14.98 9.28
N SER A 129 9.34 14.97 9.29
CA SER A 129 10.68 15.03 8.70
CA SER A 129 10.64 15.01 8.66
C SER A 129 10.86 13.86 7.76
C SER A 129 10.73 13.90 7.63
N GLN A 130 11.69 14.04 6.74
CA GLN A 130 11.89 13.01 5.73
C GLN A 130 12.41 11.72 6.37
N LEU A 131 12.01 10.58 5.78
CA LEU A 131 12.43 9.27 6.28
C LEU A 131 13.82 8.98 5.72
N THR A 132 14.83 9.04 6.58
CA THR A 132 16.21 8.93 6.12
C THR A 132 16.53 7.60 5.47
N PHE A 133 15.87 6.52 5.90
CA PHE A 133 16.20 5.22 5.32
C PHE A 133 15.60 5.02 3.93
N TYR A 134 14.89 6.01 3.36
CA TYR A 134 14.58 6.02 1.94
C TYR A 134 15.43 6.98 1.12
N GLY A 135 16.31 7.74 1.76
CA GLY A 135 17.13 8.75 1.11
C GLY A 135 16.55 10.11 1.29
N GLY A 136 17.25 10.97 2.02
CA GLY A 136 16.79 12.32 2.27
C GLY A 136 16.74 12.63 3.75
N GLU A 137 16.82 13.91 4.11
CA GLU A 137 16.92 14.31 5.50
C GLU A 137 16.30 15.69 5.65
N GLY A 138 15.68 15.91 6.80
CA GLY A 138 15.20 17.23 7.16
C GLY A 138 13.76 17.46 6.76
N PRO A 139 13.34 18.73 6.77
CA PRO A 139 11.94 19.04 6.49
C PRO A 139 11.53 18.62 5.08
N TYR A 140 10.27 18.26 4.92
CA TYR A 140 9.69 18.13 3.58
C TYR A 140 9.69 19.48 2.86
N ALA A 141 9.80 19.45 1.54
CA ALA A 141 9.66 20.66 0.76
C ALA A 141 8.22 21.13 0.74
N THR A 142 8.00 22.41 0.60
CA THR A 142 6.67 22.92 0.33
C THR A 142 6.33 22.61 -1.13
N PRO A 143 5.23 21.92 -1.40
CA PRO A 143 4.85 21.60 -2.78
C PRO A 143 4.19 22.80 -3.45
N ALA A 144 4.31 22.83 -4.79
CA ALA A 144 3.48 23.71 -5.60
C ALA A 144 2.04 23.19 -5.63
N GLN A 145 1.08 24.11 -5.70
CA GLN A 145 -0.30 23.76 -5.94
C GLN A 145 -0.49 23.18 -7.33
N ILE A 146 -0.93 21.92 -7.38
CA ILE A 146 -1.09 21.18 -8.62
C ILE A 146 -2.15 21.84 -9.50
N SER A 147 -1.89 21.87 -10.80
CA SER A 147 -2.81 22.47 -11.75
C SER A 147 -3.79 21.42 -12.31
N GLU A 148 -4.87 21.91 -12.93
CA GLU A 148 -5.78 20.99 -13.62
C GLU A 148 -5.05 20.09 -14.63
N ASP A 149 -4.15 20.65 -15.44
CA ASP A 149 -3.44 19.81 -16.40
C ASP A 149 -2.58 18.77 -15.71
N GLU A 150 -1.92 19.15 -14.60
CA GLU A 150 -1.11 18.18 -13.86
C GLU A 150 -1.98 17.10 -13.20
N ILE A 151 -3.19 17.46 -12.75
CA ILE A 151 -4.13 16.48 -12.20
C ILE A 151 -4.51 15.47 -13.28
N GLN A 152 -4.81 15.95 -14.50
CA GLN A 152 -5.19 15.03 -15.55
C GLN A 152 -4.02 14.13 -15.95
N GLU A 153 -2.80 14.68 -15.98
CA GLU A 153 -1.62 13.86 -16.23
C GLU A 153 -1.46 12.78 -15.17
N ALA A 154 -1.70 13.13 -13.92
CA ALA A 154 -1.56 12.16 -12.86
C ALA A 154 -2.61 11.06 -12.97
N ILE A 155 -3.86 11.43 -13.25
CA ILE A 155 -4.93 10.44 -13.42
C ILE A 155 -4.59 9.48 -14.56
N ALA A 156 -4.19 10.04 -15.70
CA ALA A 156 -3.83 9.20 -16.84
C ALA A 156 -2.67 8.28 -16.51
N GLY A 157 -1.72 8.75 -15.68
CA GLY A 157 -0.62 7.89 -15.29
C GLY A 157 -1.05 6.70 -14.45
N PHE A 158 -1.95 6.90 -13.48
CA PHE A 158 -2.53 5.76 -12.75
C PHE A 158 -3.15 4.75 -13.71
N ALA A 159 -3.91 5.23 -14.70
CA ALA A 159 -4.59 4.32 -15.62
C ALA A 159 -3.57 3.55 -16.45
N GLN A 160 -2.56 4.23 -16.97
CA GLN A 160 -1.57 3.56 -17.78
C GLN A 160 -0.76 2.57 -16.95
N ALA A 161 -0.37 2.96 -15.74
CA ALA A 161 0.40 2.05 -14.90
C ALA A 161 -0.43 0.82 -14.54
N ALA A 162 -1.74 1.00 -14.31
CA ALA A 162 -2.62 -0.14 -14.03
C ALA A 162 -2.71 -1.06 -15.23
N ARG A 163 -2.86 -0.51 -16.43
CA ARG A 163 -2.87 -1.33 -17.65
C ARG A 163 -1.54 -2.07 -17.76
N HIS A 164 -0.42 -1.43 -17.45
CA HIS A 164 0.88 -2.09 -17.48
C HIS A 164 0.97 -3.20 -16.44
N ALA A 165 0.43 -2.97 -15.24
CA ALA A 165 0.40 -4.03 -14.24
C ALA A 165 -0.34 -5.26 -14.75
N ARG A 166 -1.52 -5.06 -15.32
CA ARG A 166 -2.28 -6.17 -15.86
C ARG A 166 -1.50 -6.87 -16.96
N GLU A 167 -0.89 -6.11 -17.86
CA GLU A 167 -0.14 -6.74 -18.94
C GLU A 167 1.05 -7.53 -18.43
N ALA A 168 1.68 -7.10 -17.33
CA ALA A 168 2.81 -7.80 -16.74
C ALA A 168 2.41 -9.06 -16.01
N GLY A 169 1.11 -9.26 -15.77
CA GLY A 169 0.59 -10.46 -15.16
C GLY A 169 0.19 -10.32 -13.71
N PHE A 170 0.29 -9.12 -13.13
CA PHE A 170 -0.21 -8.95 -11.77
C PHE A 170 -1.68 -9.37 -11.69
N ASP A 171 -2.10 -9.83 -10.51
CA ASP A 171 -3.49 -10.23 -10.28
C ASP A 171 -4.39 -9.06 -9.94
N GLY A 172 -3.83 -7.89 -9.64
CA GLY A 172 -4.65 -6.76 -9.27
C GLY A 172 -3.74 -5.57 -9.05
N VAL A 173 -4.38 -4.42 -8.83
CA VAL A 173 -3.68 -3.20 -8.42
C VAL A 173 -4.31 -2.68 -7.15
N GLU A 174 -3.50 -2.02 -6.33
CA GLU A 174 -3.93 -1.32 -5.13
C GLU A 174 -3.62 0.16 -5.29
N LEU A 175 -4.64 0.99 -5.39
CA LEU A 175 -4.44 2.42 -5.55
C LEU A 175 -4.04 2.98 -4.19
N HIS A 176 -2.94 3.73 -4.10
CA HIS A 176 -2.45 4.19 -2.81
C HIS A 176 -3.15 5.47 -2.43
N GLY A 177 -4.20 5.37 -1.63
CA GLY A 177 -4.94 6.50 -1.11
C GLY A 177 -4.63 6.84 0.33
N ALA A 178 -3.49 6.39 0.82
CA ALA A 178 -3.14 6.42 2.23
C ALA A 178 -1.78 7.06 2.48
N ASN A 179 -1.42 7.08 3.76
CA ASN A 179 -0.10 7.36 4.30
C ASN A 179 0.46 8.72 3.90
N GLY A 180 -0.40 9.65 3.51
CA GLY A 180 0.07 11.00 3.25
C GLY A 180 0.50 11.31 1.84
N TYR A 181 0.40 10.37 0.91
CA TYR A 181 0.81 10.56 -0.46
C TYR A 181 -0.27 11.29 -1.26
N LEU A 182 -0.15 11.39 -2.60
CA LEU A 182 -0.95 12.38 -3.31
C LEU A 182 -2.45 12.20 -3.08
N LEU A 183 -2.95 10.98 -3.29
CA LEU A 183 -4.40 10.78 -3.20
C LEU A 183 -4.92 11.10 -1.80
N HIS A 184 -4.17 10.71 -0.79
CA HIS A 184 -4.59 10.97 0.58
C HIS A 184 -4.60 12.48 0.85
N GLU A 185 -3.62 13.21 0.31
CA GLU A 185 -3.61 14.66 0.48
C GLU A 185 -4.92 15.27 -0.02
N PHE A 186 -5.41 14.80 -1.18
CA PHE A 186 -6.72 15.25 -1.69
C PHE A 186 -7.87 14.87 -0.76
N ILE A 187 -7.84 13.68 -0.18
CA ILE A 187 -8.90 13.26 0.76
C ILE A 187 -8.95 14.20 1.97
N SER A 188 -7.78 14.59 2.47
CA SER A 188 -7.67 15.21 3.78
C SER A 188 -8.19 16.64 3.85
N ALA A 189 -8.81 16.97 4.98
CA ALA A 189 -9.26 18.34 5.19
C ALA A 189 -8.08 19.28 5.38
N GLU A 190 -7.01 18.82 6.03
CA GLU A 190 -5.93 19.74 6.39
C GLU A 190 -5.18 20.20 5.17
N PHE A 191 -4.97 19.31 4.20
CA PHE A 191 -4.06 19.57 3.09
C PHE A 191 -4.76 19.84 1.78
N ASN A 192 -6.04 19.59 1.64
CA ASN A 192 -6.78 19.92 0.43
C ASN A 192 -7.64 21.15 0.71
N ARG A 193 -7.08 22.32 0.43
CA ARG A 193 -7.73 23.60 0.66
C ARG A 193 -8.27 24.20 -0.63
N ARG A 194 -8.40 23.40 -1.67
CA ARG A 194 -8.84 23.89 -2.98
C ARG A 194 -10.29 24.34 -2.95
N ASP A 195 -10.60 25.34 -3.76
CA ASP A 195 -11.97 25.83 -3.93
C ASP A 195 -12.60 25.38 -5.25
N ASP A 196 -11.93 24.53 -6.03
CA ASP A 196 -12.47 24.02 -7.28
C ASP A 196 -13.16 22.66 -7.05
N HIS A 197 -13.51 21.98 -8.12
CA HIS A 197 -14.27 20.74 -8.01
C HIS A 197 -13.41 19.55 -7.57
N TRP A 198 -12.19 19.76 -7.11
CA TRP A 198 -11.42 18.72 -6.44
C TRP A 198 -11.37 18.91 -4.94
N GLY A 199 -11.96 19.98 -4.41
CA GLY A 199 -11.96 20.28 -2.99
C GLY A 199 -13.32 20.12 -2.38
N GLY A 200 -13.52 20.77 -1.25
CA GLY A 200 -14.84 20.87 -0.62
C GLY A 200 -14.97 20.17 0.71
N ASP A 201 -16.15 19.63 0.96
CA ASP A 201 -16.45 18.92 2.19
C ASP A 201 -15.86 17.52 2.11
N TYR A 202 -16.11 16.70 3.14
CA TYR A 202 -15.38 15.44 3.20
C TYR A 202 -15.71 14.51 2.03
N LEU A 203 -16.92 14.62 1.48
CA LEU A 203 -17.27 13.85 0.28
C LEU A 203 -16.75 14.52 -0.99
N GLY A 204 -16.85 15.83 -1.05
CA GLY A 204 -16.31 16.53 -2.22
C GLY A 204 -14.84 16.23 -2.43
N ARG A 205 -14.09 16.08 -1.34
CA ARG A 205 -12.67 15.79 -1.41
C ARG A 205 -12.37 14.39 -1.92
N LEU A 206 -13.38 13.53 -2.05
CA LEU A 206 -13.14 12.22 -2.65
C LEU A 206 -13.07 12.28 -4.17
N ARG A 207 -13.34 13.43 -4.76
CA ARG A 207 -13.49 13.47 -6.22
C ARG A 207 -12.24 13.05 -6.96
N LEU A 208 -11.06 13.41 -6.48
CA LEU A 208 -9.86 12.97 -7.18
C LEU A 208 -9.68 11.45 -7.06
N PRO A 209 -9.72 10.84 -5.88
CA PRO A 209 -9.68 9.36 -5.83
C PRO A 209 -10.76 8.68 -6.67
N LEU A 210 -11.99 9.22 -6.70
CA LEU A 210 -13.06 8.66 -7.52
C LEU A 210 -12.70 8.74 -9.00
N ALA A 211 -12.10 9.83 -9.43
CA ALA A 211 -11.70 9.95 -10.82
C ALA A 211 -10.59 8.97 -11.17
N VAL A 212 -9.67 8.73 -10.23
CA VAL A 212 -8.62 7.74 -10.45
C VAL A 212 -9.23 6.33 -10.58
N ILE A 213 -10.17 5.99 -9.71
CA ILE A 213 -10.83 4.70 -9.82
C ILE A 213 -11.48 4.53 -11.18
N ALA A 214 -12.21 5.56 -11.64
CA ALA A 214 -12.91 5.45 -12.92
C ALA A 214 -11.92 5.26 -14.05
N ALA A 215 -10.85 6.04 -14.06
CA ALA A 215 -9.88 5.96 -15.15
C ALA A 215 -9.17 4.60 -15.14
N VAL A 216 -8.83 4.10 -13.97
CA VAL A 216 -8.16 2.81 -13.86
C VAL A 216 -9.08 1.70 -14.35
N ARG A 217 -10.35 1.73 -13.92
N ARG A 217 -10.34 1.74 -13.92
CA ARG A 217 -11.29 0.71 -14.34
CA ARG A 217 -11.29 0.75 -14.38
C ARG A 217 -11.47 0.70 -15.85
C ARG A 217 -11.36 0.72 -15.88
N ALA A 218 -11.46 1.88 -16.50
CA ALA A 218 -11.54 1.90 -17.96
C ALA A 218 -10.32 1.27 -18.61
N ALA A 219 -9.17 1.40 -17.98
CA ALA A 219 -7.96 0.87 -18.57
C ALA A 219 -7.80 -0.62 -18.35
N VAL A 220 -8.33 -1.17 -17.25
CA VAL A 220 -8.10 -2.58 -16.92
C VAL A 220 -9.31 -3.46 -17.20
N GLY A 221 -10.49 -2.88 -17.42
CA GLY A 221 -11.69 -3.67 -17.62
C GLY A 221 -12.35 -4.07 -16.31
N ASN A 222 -13.49 -4.74 -16.44
CA ASN A 222 -14.36 -4.98 -15.30
C ASN A 222 -14.03 -6.26 -14.54
N ASP A 223 -13.14 -7.11 -15.07
CA ASP A 223 -12.80 -8.40 -14.49
C ASP A 223 -11.52 -8.39 -13.65
N PHE A 224 -10.79 -7.29 -13.68
CA PHE A 224 -9.50 -7.17 -12.97
C PHE A 224 -9.68 -6.59 -11.58
N VAL A 225 -8.88 -7.06 -10.63
CA VAL A 225 -9.00 -6.63 -9.25
C VAL A 225 -8.41 -5.23 -9.07
N VAL A 226 -9.20 -4.31 -8.52
CA VAL A 226 -8.74 -2.96 -8.19
C VAL A 226 -9.13 -2.69 -6.73
N GLY A 227 -8.14 -2.48 -5.88
CA GLY A 227 -8.37 -2.10 -4.50
C GLY A 227 -7.86 -0.68 -4.24
N MET A 228 -8.14 -0.17 -3.04
CA MET A 228 -7.55 1.10 -2.60
C MET A 228 -7.13 0.98 -1.16
N ARG A 229 -5.96 1.52 -0.85
CA ARG A 229 -5.48 1.63 0.52
C ARG A 229 -5.87 3.00 1.08
N LEU A 230 -6.31 3.00 2.34
CA LEU A 230 -6.80 4.18 3.03
C LEU A 230 -6.22 4.22 4.44
N SER A 231 -6.04 5.44 4.96
CA SER A 231 -5.56 5.63 6.32
C SER A 231 -5.98 7.01 6.81
N GLN A 232 -5.97 7.15 8.13
CA GLN A 232 -6.00 8.47 8.76
C GLN A 232 -4.58 9.06 8.85
N SER A 233 -3.64 8.23 9.28
N SER A 233 -3.61 8.20 9.18
CA SER A 233 -2.27 8.66 9.47
CA SER A 233 -2.24 8.59 9.49
C SER A 233 -1.60 9.06 8.16
C SER A 233 -1.45 8.90 8.21
N MET A 234 -0.60 9.92 8.29
CA MET A 234 0.31 10.24 7.21
C MET A 234 1.74 9.99 7.69
N VAL A 235 2.65 9.72 6.74
CA VAL A 235 4.05 9.62 7.12
C VAL A 235 4.51 10.91 7.78
N SER A 236 4.05 12.04 7.27
CA SER A 236 4.41 13.34 7.82
C SER A 236 3.66 13.69 9.11
N ASP A 237 2.63 12.93 9.49
CA ASP A 237 1.82 13.24 10.67
C ASP A 237 1.03 11.99 11.06
N SER A 238 1.61 11.18 11.94
CA SER A 238 0.97 9.92 12.27
C SER A 238 -0.25 10.10 13.16
N GLN A 239 -0.50 11.32 13.66
CA GLN A 239 -1.61 11.58 14.56
C GLN A 239 -2.86 12.11 13.85
N LEU A 240 -2.79 12.39 12.56
CA LEU A 240 -3.91 13.00 11.85
C LEU A 240 -5.13 12.08 11.87
N LYS A 241 -6.32 12.66 11.97
CA LYS A 241 -7.57 11.95 11.94
C LYS A 241 -8.40 12.34 10.72
N TRP A 242 -9.18 11.39 10.21
CA TRP A 242 -10.22 11.75 9.26
C TRP A 242 -11.18 12.75 9.89
N GLU A 243 -11.58 13.76 9.15
CA GLU A 243 -12.56 14.72 9.63
C GLU A 243 -13.82 14.02 10.08
N GLY A 244 -14.34 14.40 11.23
CA GLY A 244 -15.55 13.78 11.73
C GLY A 244 -15.28 12.57 12.60
N GLY A 245 -16.08 11.53 12.41
CA GLY A 245 -16.01 10.31 13.20
C GLY A 245 -16.57 9.13 12.41
N VAL A 246 -17.21 8.22 13.11
CA VAL A 246 -17.61 6.93 12.53
C VAL A 246 -18.51 7.11 11.32
N ASP A 247 -19.51 7.97 11.42
CA ASP A 247 -20.49 8.03 10.33
C ASP A 247 -19.88 8.57 9.05
N GLU A 248 -19.00 9.57 9.16
CA GLU A 248 -18.37 10.12 7.98
C GLU A 248 -17.40 9.10 7.39
N ALA A 249 -16.74 8.33 8.24
CA ALA A 249 -15.87 7.25 7.74
C ALA A 249 -16.67 6.23 6.93
N ARG A 250 -17.82 5.81 7.44
CA ARG A 250 -18.68 4.86 6.70
C ARG A 250 -19.03 5.43 5.33
N GLN A 251 -19.36 6.72 5.27
CA GLN A 251 -19.73 7.32 4.00
C GLN A 251 -18.57 7.31 3.01
N ARG A 252 -17.37 7.61 3.45
CA ARG A 252 -16.19 7.56 2.54
C ARG A 252 -15.98 6.13 2.04
N PHE A 253 -16.00 5.15 2.94
CA PHE A 253 -15.77 3.77 2.54
C PHE A 253 -16.80 3.35 1.49
N ARG A 254 -18.07 3.70 1.73
CA ARG A 254 -19.13 3.35 0.81
C ARG A 254 -18.96 4.03 -0.55
N ALA A 255 -18.63 5.32 -0.56
CA ALA A 255 -18.49 6.01 -1.83
C ALA A 255 -17.39 5.39 -2.66
N LEU A 256 -16.27 5.11 -2.02
CA LEU A 256 -15.13 4.56 -2.76
C LEU A 256 -15.42 3.14 -3.21
N ALA A 257 -15.96 2.32 -2.33
CA ALA A 257 -16.30 0.96 -2.72
C ALA A 257 -17.27 0.97 -3.89
N ASP A 258 -18.32 1.82 -3.81
CA ASP A 258 -19.39 1.82 -4.80
C ASP A 258 -18.95 2.33 -6.15
N ALA A 259 -17.81 3.03 -6.21
CA ALA A 259 -17.20 3.41 -7.47
C ALA A 259 -16.61 2.23 -8.22
N GLY A 260 -16.58 1.05 -7.61
CA GLY A 260 -16.21 -0.19 -8.27
C GLY A 260 -14.87 -0.74 -7.80
N LEU A 261 -14.55 -0.55 -6.53
CA LEU A 261 -13.40 -1.26 -5.97
C LEU A 261 -13.81 -2.68 -5.61
N ASP A 262 -12.83 -3.58 -5.64
CA ASP A 262 -13.00 -4.97 -5.28
C ASP A 262 -12.53 -5.30 -3.87
N TYR A 263 -11.73 -4.43 -3.26
CA TYR A 263 -11.40 -4.55 -1.84
C TYR A 263 -10.97 -3.20 -1.32
N LEU A 264 -11.00 -3.05 0.00
CA LEU A 264 -10.41 -1.92 0.69
C LEU A 264 -9.29 -2.46 1.56
N HIS A 265 -8.20 -1.73 1.65
CA HIS A 265 -7.08 -2.05 2.55
C HIS A 265 -6.91 -0.86 3.46
N VAL A 266 -7.08 -1.04 4.74
CA VAL A 266 -6.95 0.06 5.67
C VAL A 266 -5.74 -0.18 6.57
N THR A 267 -5.13 0.91 6.99
CA THR A 267 -3.94 0.84 7.83
C THR A 267 -4.02 1.92 8.90
N GLU A 268 -3.67 1.53 10.13
CA GLU A 268 -3.66 2.42 11.28
C GLU A 268 -2.41 2.15 12.11
N PRO A 269 -2.04 3.07 13.01
CA PRO A 269 -0.91 2.78 13.91
C PRO A 269 -1.13 1.50 14.70
N ASP A 270 -2.35 1.24 15.13
CA ASP A 270 -2.72 0.02 15.85
C ASP A 270 -4.06 -0.44 15.28
N ALA A 271 -4.03 -1.52 14.49
CA ALA A 271 -5.24 -1.99 13.84
C ALA A 271 -6.34 -2.39 14.78
N ALA A 272 -6.05 -2.69 16.04
CA ALA A 272 -7.09 -3.09 16.98
C ALA A 272 -7.71 -1.92 17.73
N ALA A 273 -7.13 -0.72 17.69
CA ALA A 273 -7.61 0.38 18.50
C ALA A 273 -8.82 1.05 17.86
N PRO A 274 -9.68 1.69 18.66
CA PRO A 274 -10.78 2.47 18.08
C PRO A 274 -10.27 3.50 17.09
N ALA A 275 -11.00 3.70 16.00
CA ALA A 275 -10.61 4.71 15.01
C ALA A 275 -10.71 6.12 15.55
N PHE A 276 -11.71 6.41 16.38
CA PHE A 276 -12.06 7.77 16.79
C PHE A 276 -12.12 7.93 18.32
N GLY A 277 -11.36 7.10 19.03
CA GLY A 277 -11.24 7.18 20.47
C GLY A 277 -12.14 6.20 21.19
N ASP A 278 -13.41 6.16 20.80
CA ASP A 278 -14.44 5.25 21.35
C ASP A 278 -14.96 4.41 20.18
N GLY A 279 -15.35 3.19 20.46
CA GLY A 279 -16.08 2.42 19.49
C GLY A 279 -15.19 1.63 18.56
N PRO A 280 -15.64 1.42 17.32
CA PRO A 280 -15.02 0.40 16.46
C PRO A 280 -13.67 0.84 15.90
N SER A 281 -12.85 -0.16 15.60
CA SER A 281 -11.62 0.09 14.86
C SER A 281 -11.93 0.56 13.45
N PHE A 282 -10.94 1.15 12.81
CA PHE A 282 -11.07 1.66 11.46
C PHE A 282 -11.41 0.54 10.49
N ALA A 283 -10.73 -0.60 10.59
CA ALA A 283 -11.06 -1.77 9.79
C ALA A 283 -12.48 -2.24 10.06
N ALA A 284 -12.89 -2.33 11.32
CA ALA A 284 -14.24 -2.78 11.61
C ALA A 284 -15.28 -1.85 11.00
N ILE A 285 -15.03 -0.54 11.02
CA ILE A 285 -15.96 0.40 10.39
C ILE A 285 -16.09 0.09 8.92
N ALA A 286 -14.97 -0.10 8.23
CA ALA A 286 -15.02 -0.44 6.81
C ALA A 286 -15.79 -1.73 6.57
N LYS A 287 -15.44 -2.79 7.31
CA LYS A 287 -16.05 -4.09 7.08
C LYS A 287 -17.55 -4.04 7.35
N GLY A 288 -17.99 -3.22 8.30
CA GLY A 288 -19.40 -3.09 8.56
C GLY A 288 -20.14 -2.15 7.66
N SER A 289 -19.49 -1.48 6.73
N SER A 289 -19.43 -1.48 6.75
CA SER A 289 -20.19 -0.58 5.85
CA SER A 289 -20.02 -0.51 5.84
C SER A 289 -20.11 -0.94 4.37
C SER A 289 -20.17 -1.00 4.41
N VAL A 290 -19.31 -1.93 3.98
CA VAL A 290 -19.19 -2.34 2.58
C VAL A 290 -19.23 -3.85 2.50
N SER A 291 -19.61 -4.35 1.33
N SER A 291 -19.54 -4.34 1.31
CA SER A 291 -19.68 -5.79 1.15
CA SER A 291 -19.72 -5.76 1.06
C SER A 291 -18.39 -6.40 0.65
C SER A 291 -18.52 -6.40 0.36
N ILE A 292 -17.50 -5.61 0.05
CA ILE A 292 -16.25 -6.11 -0.49
C ILE A 292 -15.29 -6.44 0.64
N PRO A 293 -14.30 -7.31 0.41
CA PRO A 293 -13.37 -7.64 1.48
C PRO A 293 -12.54 -6.46 1.96
N VAL A 294 -12.22 -6.51 3.25
CA VAL A 294 -11.41 -5.51 3.92
C VAL A 294 -10.13 -6.17 4.43
N ILE A 295 -9.00 -5.65 3.99
CA ILE A 295 -7.68 -6.05 4.47
C ILE A 295 -7.30 -5.05 5.55
N GLY A 296 -6.99 -5.52 6.75
CA GLY A 296 -6.55 -4.61 7.79
C GLY A 296 -5.08 -4.71 8.08
N ASN A 297 -4.52 -3.71 8.75
CA ASN A 297 -3.09 -3.60 8.91
C ASN A 297 -2.76 -2.64 10.03
N GLY A 298 -1.69 -2.95 10.75
CA GLY A 298 -1.04 -2.04 11.67
C GLY A 298 -0.69 -2.73 12.98
N GLY A 299 0.57 -3.17 13.13
CA GLY A 299 1.01 -3.72 14.40
C GLY A 299 0.58 -5.14 14.67
N ILE A 300 0.15 -5.87 13.66
CA ILE A 300 -0.28 -7.25 13.83
C ILE A 300 0.97 -8.11 13.72
N VAL A 301 1.38 -8.72 14.82
CA VAL A 301 2.67 -9.38 14.93
C VAL A 301 2.53 -10.89 15.03
N THR A 302 1.62 -11.35 15.88
CA THR A 302 1.54 -12.75 16.23
C THR A 302 0.33 -13.41 15.59
N GLY A 303 0.38 -14.74 15.56
CA GLY A 303 -0.74 -15.50 15.06
C GLY A 303 -2.00 -15.28 15.89
N GLU A 304 -1.85 -15.18 17.20
CA GLU A 304 -3.01 -14.96 18.06
C GLU A 304 -3.66 -13.61 17.79
N GLN A 305 -2.84 -12.59 17.55
CA GLN A 305 -3.40 -11.27 17.26
C GLN A 305 -4.20 -11.29 15.96
N ALA A 306 -3.62 -11.91 14.92
CA ALA A 306 -4.29 -11.98 13.64
C ALA A 306 -5.59 -12.76 13.76
N GLU A 307 -5.54 -13.90 14.43
CA GLU A 307 -6.73 -14.70 14.59
C GLU A 307 -7.81 -13.94 15.32
N LYS A 308 -7.45 -13.18 16.34
CA LYS A 308 -8.45 -12.43 17.08
C LYS A 308 -9.15 -11.40 16.19
N LEU A 309 -8.39 -10.69 15.36
CA LEU A 309 -8.98 -9.68 14.48
C LEU A 309 -9.93 -10.31 13.47
N LEU A 310 -9.55 -11.47 12.92
CA LEU A 310 -10.41 -12.14 11.95
C LEU A 310 -11.65 -12.71 12.63
N THR A 311 -11.46 -13.41 13.74
N THR A 311 -11.46 -13.40 13.76
CA THR A 311 -12.60 -14.02 14.40
CA THR A 311 -12.59 -14.06 14.42
C THR A 311 -13.62 -12.96 14.83
C THR A 311 -13.57 -13.05 15.04
N GLN A 312 -13.13 -11.82 15.36
CA GLN A 312 -14.00 -10.77 15.86
C GLN A 312 -14.72 -10.03 14.74
N GLY A 313 -14.35 -10.30 13.49
CA GLY A 313 -14.98 -9.62 12.39
C GLY A 313 -14.48 -8.22 12.12
N ASP A 314 -13.25 -7.91 12.50
N ASP A 314 -13.25 -7.90 12.58
CA ASP A 314 -12.72 -6.58 12.23
CA ASP A 314 -12.68 -6.59 12.29
C ASP A 314 -12.11 -6.45 10.84
C ASP A 314 -12.24 -6.47 10.83
N MET A 315 -11.84 -7.57 10.18
CA MET A 315 -11.30 -7.54 8.82
C MET A 315 -11.47 -8.94 8.22
N ASP A 316 -11.34 -9.02 6.89
CA ASP A 316 -11.40 -10.28 6.15
C ASP A 316 -10.04 -10.88 5.87
N LEU A 317 -9.02 -10.06 5.71
CA LEU A 317 -7.65 -10.51 5.52
C LEU A 317 -6.76 -9.65 6.41
N VAL A 318 -5.56 -10.15 6.67
N VAL A 318 -5.62 -10.22 6.85
CA VAL A 318 -4.61 -9.52 7.57
CA VAL A 318 -4.59 -9.46 7.55
C VAL A 318 -3.31 -9.28 6.81
C VAL A 318 -3.42 -9.20 6.60
N ALA A 319 -2.94 -7.99 6.62
CA ALA A 319 -1.68 -7.65 5.99
C ALA A 319 -0.65 -7.34 7.05
N VAL A 320 0.51 -7.98 6.94
CA VAL A 320 1.61 -7.75 7.86
C VAL A 320 2.85 -7.30 7.10
N GLY A 321 3.51 -6.30 7.67
CA GLY A 321 4.73 -5.77 7.12
C GLY A 321 5.92 -6.24 7.92
N LYS A 322 6.12 -5.61 9.07
CA LYS A 322 7.25 -5.99 9.90
C LYS A 322 7.30 -7.47 10.21
N ALA A 323 6.16 -8.08 10.55
CA ALA A 323 6.17 -9.51 10.85
C ALA A 323 6.60 -10.35 9.66
N ALA A 324 6.27 -9.92 8.43
CA ALA A 324 6.67 -10.66 7.23
C ALA A 324 8.17 -10.54 7.02
N LEU A 325 8.74 -9.36 7.33
CA LEU A 325 10.20 -9.21 7.27
C LEU A 325 10.88 -10.03 8.35
N ALA A 326 10.28 -10.10 9.54
CA ALA A 326 10.88 -10.89 10.59
C ALA A 326 10.84 -12.39 10.27
N ASN A 327 9.78 -12.85 9.59
CA ASN A 327 9.68 -14.25 9.15
C ASN A 327 8.90 -14.27 7.85
N ASN A 328 9.62 -14.49 6.74
CA ASN A 328 8.94 -14.58 5.45
C ASN A 328 7.98 -15.75 5.36
N ASP A 329 8.14 -16.75 6.24
CA ASP A 329 7.26 -17.90 6.37
C ASP A 329 6.30 -17.76 7.56
N TRP A 330 5.99 -16.53 7.96
CA TRP A 330 5.03 -16.24 9.03
C TRP A 330 3.82 -17.15 9.03
N PRO A 331 3.05 -17.32 7.94
CA PRO A 331 1.86 -18.15 8.06
C PRO A 331 2.17 -19.62 8.34
N GLN A 332 3.25 -20.13 7.74
CA GLN A 332 3.67 -21.50 8.01
C GLN A 332 4.12 -21.70 9.44
N ARG A 333 4.86 -20.73 10.00
CA ARG A 333 5.34 -20.87 11.37
C ARG A 333 4.17 -20.85 12.35
N ILE A 334 3.16 -20.02 12.09
CA ILE A 334 1.97 -20.00 12.94
C ILE A 334 1.28 -21.36 12.94
N ALA A 335 1.09 -21.96 11.76
CA ALA A 335 0.46 -23.27 11.71
C ALA A 335 1.25 -24.34 12.46
N GLN A 336 2.58 -24.31 12.38
CA GLN A 336 3.44 -25.28 13.05
C GLN A 336 3.68 -24.95 14.52
N GLY A 337 3.14 -23.85 15.03
CA GLY A 337 3.38 -23.45 16.40
C GLY A 337 4.81 -23.05 16.66
N LEU A 338 5.48 -22.54 15.65
CA LEU A 338 6.87 -22.16 15.81
C LEU A 338 7.01 -20.72 16.24
N PRO A 339 8.06 -20.46 17.00
CA PRO A 339 8.32 -19.10 17.43
C PRO A 339 8.64 -18.19 16.27
N LEU A 340 8.27 -16.94 16.44
CA LEU A 340 8.58 -15.91 15.49
C LEU A 340 9.82 -15.14 15.94
N ASN A 341 10.53 -14.58 14.99
N ASN A 341 10.52 -14.56 14.98
CA ASN A 341 11.59 -13.64 15.33
CA ASN A 341 11.59 -13.63 15.29
C ASN A 341 10.98 -12.27 15.59
C ASN A 341 11.01 -12.25 15.56
N GLU A 342 11.60 -11.53 16.50
CA GLU A 342 11.20 -10.17 16.76
C GLU A 342 11.72 -9.30 15.63
N PHE A 343 10.88 -8.42 15.10
CA PHE A 343 11.36 -7.47 14.11
C PHE A 343 12.43 -6.57 14.71
N ASP A 344 13.46 -6.30 13.93
CA ASP A 344 14.61 -5.53 14.41
C ASP A 344 14.88 -4.46 13.37
N GLY A 345 14.55 -3.21 13.70
CA GLY A 345 14.68 -2.12 12.77
C GLY A 345 16.10 -1.78 12.38
N THR A 346 17.10 -2.33 13.07
CA THR A 346 18.46 -2.09 12.58
C THR A 346 18.69 -2.71 11.21
N MET A 347 17.82 -3.61 10.78
N MET A 347 17.82 -3.63 10.78
CA MET A 347 17.92 -4.17 9.45
CA MET A 347 17.93 -4.18 9.43
C MET A 347 17.75 -3.13 8.36
C MET A 347 17.80 -3.10 8.36
N PHE A 348 17.15 -1.98 8.67
CA PHE A 348 16.95 -0.89 7.72
C PHE A 348 18.03 0.18 7.76
N VAL A 349 19.02 0.08 8.65
CA VAL A 349 20.00 1.15 8.85
C VAL A 349 21.13 0.94 7.87
N PRO A 350 21.60 1.98 7.13
CA PRO A 350 21.06 3.36 7.08
C PRO A 350 20.05 3.56 5.94
N MET A 351 19.90 2.57 5.05
N MET A 351 19.89 2.57 5.07
CA MET A 351 18.91 2.61 3.98
CA MET A 351 18.90 2.60 4.00
C MET A 351 18.21 1.26 3.95
C MET A 351 18.20 1.26 3.99
N ALA A 352 16.88 1.29 3.81
CA ALA A 352 16.03 0.10 3.91
C ALA A 352 16.09 -0.79 2.66
N THR A 353 17.28 -0.98 2.08
CA THR A 353 17.38 -1.73 0.83
C THR A 353 17.47 -3.24 1.09
N ILE A 354 17.16 -3.99 0.04
CA ILE A 354 17.29 -5.45 0.10
C ILE A 354 18.74 -5.82 0.40
N THR A 355 19.68 -5.11 -0.23
CA THR A 355 21.10 -5.43 -0.02
C THR A 355 21.50 -5.28 1.44
N ASN A 356 21.06 -4.20 2.09
CA ASN A 356 21.37 -4.01 3.51
C ASN A 356 20.68 -5.06 4.38
N GLU A 357 19.45 -5.45 4.04
CA GLU A 357 18.78 -6.52 4.78
C GLU A 357 19.57 -7.82 4.70
N LEU A 358 20.04 -8.19 3.51
CA LEU A 358 20.75 -9.45 3.34
C LEU A 358 22.05 -9.46 4.12
N ALA A 359 22.75 -8.33 4.15
CA ALA A 359 23.97 -8.23 4.95
C ALA A 359 23.65 -8.36 6.43
N TRP A 360 22.57 -7.72 6.87
CA TRP A 360 22.16 -7.82 8.27
C TRP A 360 21.81 -9.26 8.64
N ARG A 361 21.07 -9.96 7.77
CA ARG A 361 20.68 -11.34 8.06
C ARG A 361 21.92 -12.24 8.18
N ASN A 362 22.89 -12.01 7.31
CA ASN A 362 24.16 -12.80 7.32
C ASN A 362 24.90 -12.53 8.62
N ALA A 363 24.92 -11.30 9.13
CA ALA A 363 25.68 -10.98 10.32
C ALA A 363 25.01 -11.50 11.59
N ASN A 364 23.68 -11.66 11.55
CA ASN A 364 22.87 -11.99 12.72
C ASN A 364 22.37 -13.42 12.72
N GLY A 365 22.65 -14.20 11.67
CA GLY A 365 22.18 -15.56 11.58
C GLY A 365 20.68 -15.68 11.42
N ARG A 366 20.02 -14.63 10.94
CA ARG A 366 18.56 -14.55 10.94
C ARG A 366 18.06 -14.76 9.52
N SER A 367 17.84 -16.02 9.15
CA SER A 367 17.31 -16.37 7.82
C SER A 367 15.85 -15.90 7.69
N ALA A 368 15.49 -15.35 6.55
CA ALA A 368 14.10 -14.93 6.26
C ALA A 368 13.18 -16.14 6.39
N LEU A 369 13.57 -17.27 5.81
CA LEU A 369 12.79 -18.54 5.86
C LEU A 369 13.51 -19.53 6.79
C9A FNR B . 6.01 0.63 4.83
N10 FNR B . 4.64 0.92 4.63
CAA FNR B . 4.16 1.23 3.36
N1 FNR B . 2.82 1.28 3.08
C2 FNR B . 2.36 1.48 1.81
O2 FNR B . 1.19 1.59 1.59
N3 FNR B . 3.27 1.60 0.80
C4 FNR B . 4.63 1.54 0.99
O4 FNR B . 5.36 1.64 0.01
C4A FNR B . 5.07 1.33 2.31
N5 FNR B . 6.36 1.36 2.63
C5A FNR B . 6.88 0.85 3.79
C6 FNR B . 8.22 0.54 3.90
C7 FNR B . 8.72 0.01 5.05
C7M FNR B . 10.19 -0.30 5.14
C8 FNR B . 7.83 -0.24 6.14
C8M FNR B . 8.35 -0.84 7.42
C9 FNR B . 6.49 0.05 6.01
C1' FNR B . 3.69 0.64 5.73
C2' FNR B . 3.40 -0.85 5.81
O2' FNR B . 2.63 -1.29 4.71
C3' FNR B . 2.59 -1.17 7.07
O3' FNR B . 1.35 -0.52 6.92
C4' FNR B . 3.25 -0.67 8.34
O4' FNR B . 4.59 -1.17 8.41
C5' FNR B . 2.47 -1.05 9.59
O5' FNR B . 2.08 -2.45 9.54
P FNR B . 3.03 -3.53 10.27
O1P FNR B . 4.37 -3.35 9.64
O2P FNR B . 2.40 -4.86 10.04
O3P FNR B . 3.10 -3.15 11.70
CL CL C . -10.46 14.19 6.14
#